data_7NBP
#
_entry.id   7NBP
#
loop_
_entity.id
_entity.type
_entity.pdbx_description
1 polymer "DNA (5'-D(*GP*TP*AP*CP*(EDA)P*CP*AP*TP*G)-3')"
2 polymer "DNA (5'-D(*CP*AP*TP*GP*AP*GP*TP*AP*C)-3')"
#
loop_
_entity_poly.entity_id
_entity_poly.type
_entity_poly.pdbx_seq_one_letter_code
_entity_poly.pdbx_strand_id
1 'polydeoxyribonucleotide' (DG)(DT)(DA)(DC)(U7T)(DC)(DA)(DT)(DG) A
2 'polydeoxyribonucleotide' (DC)(DA)(DT)(DG)(DA)(DG)(DT)(DA)(DC) B
#